data_2A2S
#
_entry.id   2A2S
#
_cell.length_a   77.64
_cell.length_b   89.64
_cell.length_c   68.85
_cell.angle_alpha   90.00
_cell.angle_beta   97.98
_cell.angle_gamma   90.00
#
_symmetry.space_group_name_H-M   'C 1 2 1'
#
loop_
_entity.id
_entity.type
_entity.pdbx_description
1 polymer 'Glutathione S-transferase P'
2 non-polymer '2-(N-MORPHOLINO)-ETHANESULFONIC ACID'
3 non-polymer 2-AMINO-5-[1-(CARBOXYLATOMETHYLCARBAMOYL)-2-NITROSOSULFANYL-ETHYL]AMINO-5-OXO-PENTANOATE
4 non-polymer 'CALCIUM ION'
5 non-polymer 'CARBONATE ION'
6 water water
#
_entity_poly.entity_id   1
_entity_poly.type   'polypeptide(L)'
_entity_poly.pdbx_seq_one_letter_code
;MPPYTVVYFPVRGRCAALRMLLADQGQSWKEEVVTVETWQEGSLKASCLYGQLPKFQDGDLTLYQSNTILRHLGRTLGLY
GKDQQEAALVDMVNDGVEDLRCKYISLIYTNYEAGKDDYVKALPGQLKPFETLLSQNQGGKTFIVGDQISFADYNLLDLL
LIHEVLAPGCLDAFPLLSAYVGRLSARPKLKAFLASPEYVNLPINGNGKQ
;
_entity_poly.pdbx_strand_id   A,B
#
loop_
_chem_comp.id
_chem_comp.type
_chem_comp.name
_chem_comp.formula
CA non-polymer 'CALCIUM ION' 'Ca 2'
CO3 non-polymer 'CARBONATE ION' 'C O3 -2'
GSN non-polymer 2-AMINO-5-[1-(CARBOXYLATOMETHYLCARBAMOYL)-2-NITROSOSULFANYL-ETHYL]AMINO-5-OXO-PENTANOATE 'C10 H14 N4 O7 S -2'
MES non-polymer '2-(N-MORPHOLINO)-ETHANESULFONIC ACID' 'C6 H13 N O4 S'
#
# COMPACT_ATOMS: atom_id res chain seq x y z
N MET A 1 12.94 -26.59 5.60
CA MET A 1 13.24 -27.26 4.30
C MET A 1 12.98 -26.27 3.17
N PRO A 2 11.70 -25.91 2.90
CA PRO A 2 11.55 -24.92 1.82
C PRO A 2 12.11 -23.59 2.31
N PRO A 3 12.49 -22.70 1.39
CA PRO A 3 13.04 -21.40 1.78
C PRO A 3 12.00 -20.41 2.28
N TYR A 4 10.75 -20.64 1.91
CA TYR A 4 9.66 -19.74 2.28
C TYR A 4 8.75 -20.30 3.36
N THR A 5 8.34 -19.43 4.28
CA THR A 5 7.40 -19.81 5.34
C THR A 5 6.34 -18.72 5.48
N VAL A 6 5.08 -19.14 5.49
CA VAL A 6 3.95 -18.21 5.66
C VAL A 6 3.37 -18.43 7.05
N VAL A 7 3.37 -17.38 7.87
CA VAL A 7 2.84 -17.45 9.23
C VAL A 7 1.54 -16.66 9.23
N TYR A 8 0.42 -17.36 9.39
CA TYR A 8 -0.86 -16.68 9.30
C TYR A 8 -1.97 -17.41 10.03
N PHE A 9 -3.12 -16.75 10.15
CA PHE A 9 -4.29 -17.35 10.77
C PHE A 9 -4.83 -18.37 9.78
N PRO A 10 -5.74 -19.25 10.22
CA PRO A 10 -6.30 -20.25 9.31
C PRO A 10 -7.39 -19.69 8.41
N VAL A 11 -7.02 -18.75 7.54
CA VAL A 11 -7.93 -18.13 6.59
C VAL A 11 -7.16 -17.81 5.31
N ARG A 12 -7.90 -17.48 4.25
CA ARG A 12 -7.27 -17.10 2.99
C ARG A 12 -6.85 -15.64 3.16
N GLY A 13 -7.83 -14.77 3.38
CA GLY A 13 -7.58 -13.36 3.61
C GLY A 13 -6.45 -12.71 2.82
N ARG A 14 -5.53 -12.08 3.54
CA ARG A 14 -4.42 -11.36 2.91
C ARG A 14 -3.25 -12.23 2.46
N CYS A 15 -3.40 -13.55 2.55
CA CYS A 15 -2.36 -14.45 2.07
C CYS A 15 -2.79 -15.21 0.83
N ALA A 16 -4.07 -15.09 0.49
CA ALA A 16 -4.60 -15.78 -0.69
C ALA A 16 -3.82 -15.48 -1.96
N ALA A 17 -3.57 -14.21 -2.24
CA ALA A 17 -2.88 -13.82 -3.46
C ALA A 17 -1.44 -14.32 -3.52
N LEU A 18 -0.69 -14.15 -2.44
CA LEU A 18 0.70 -14.59 -2.44
C LEU A 18 0.80 -16.11 -2.53
N ARG A 19 -0.19 -16.81 -1.99
CA ARG A 19 -0.20 -18.28 -2.07
C ARG A 19 -0.45 -18.71 -3.51
N MET A 20 -1.37 -18.02 -4.19
CA MET A 20 -1.65 -18.34 -5.58
C MET A 20 -0.39 -18.09 -6.41
N LEU A 21 0.29 -16.99 -6.12
CA LEU A 21 1.52 -16.65 -6.84
C LEU A 21 2.55 -17.75 -6.68
N LEU A 22 2.80 -18.14 -5.42
CA LEU A 22 3.77 -19.19 -5.14
C LEU A 22 3.41 -20.51 -5.82
N ALA A 23 2.15 -20.91 -5.73
CA ALA A 23 1.71 -22.15 -6.34
C ALA A 23 1.83 -22.11 -7.87
N ASP A 24 1.34 -21.04 -8.47
CA ASP A 24 1.38 -20.88 -9.91
C ASP A 24 2.81 -20.81 -10.45
N GLN A 25 3.75 -20.36 -9.63
CA GLN A 25 5.13 -20.24 -10.04
C GLN A 25 5.93 -21.49 -9.67
N GLY A 26 5.24 -22.51 -9.19
CA GLY A 26 5.88 -23.76 -8.84
C GLY A 26 6.89 -23.66 -7.70
N GLN A 27 6.64 -22.76 -6.75
CA GLN A 27 7.53 -22.59 -5.62
C GLN A 27 6.99 -23.33 -4.40
N SER A 28 7.90 -23.91 -3.61
CA SER A 28 7.50 -24.64 -2.42
C SER A 28 7.60 -23.73 -1.19
N TRP A 29 6.67 -23.91 -0.26
CA TRP A 29 6.68 -23.11 0.97
C TRP A 29 6.02 -23.87 2.11
N LYS A 30 6.24 -23.38 3.32
CA LYS A 30 5.66 -24.00 4.51
C LYS A 30 4.59 -23.09 5.10
N GLU A 31 3.54 -23.69 5.63
CA GLU A 31 2.47 -22.94 6.26
C GLU A 31 2.53 -23.15 7.77
N GLU A 32 2.72 -22.06 8.51
CA GLU A 32 2.72 -22.11 9.96
C GLU A 32 1.42 -21.45 10.37
N VAL A 33 0.51 -22.25 10.94
CA VAL A 33 -0.79 -21.76 11.35
C VAL A 33 -0.83 -21.23 12.77
N VAL A 34 -1.45 -20.06 12.94
CA VAL A 34 -1.58 -19.41 14.24
C VAL A 34 -3.05 -19.40 14.63
N THR A 35 -3.38 -20.06 15.73
CA THR A 35 -4.77 -20.10 16.18
C THR A 35 -5.12 -18.80 16.90
N VAL A 36 -6.39 -18.44 16.87
CA VAL A 36 -6.83 -17.22 17.55
C VAL A 36 -6.49 -17.35 19.02
N GLU A 37 -6.48 -18.58 19.51
CA GLU A 37 -6.14 -18.87 20.90
C GLU A 37 -4.69 -18.47 21.18
N THR A 38 -3.79 -18.92 20.32
CA THR A 38 -2.38 -18.60 20.46
C THR A 38 -2.17 -17.09 20.29
N TRP A 39 -2.93 -16.49 19.39
CA TRP A 39 -2.82 -15.06 19.15
C TRP A 39 -3.22 -14.26 20.38
N GLN A 40 -4.28 -14.69 21.05
CA GLN A 40 -4.77 -14.00 22.24
C GLN A 40 -3.79 -14.09 23.40
N GLU A 41 -2.90 -15.08 23.37
CA GLU A 41 -1.89 -15.25 24.40
C GLU A 41 -1.02 -13.98 24.44
N GLY A 42 -0.80 -13.39 23.27
CA GLY A 42 -0.06 -12.14 23.19
C GLY A 42 1.42 -12.15 22.83
N SER A 43 2.12 -13.23 23.15
CA SER A 43 3.55 -13.32 22.88
C SER A 43 3.94 -13.10 21.42
N LEU A 44 3.35 -13.88 20.52
CA LEU A 44 3.67 -13.76 19.10
C LEU A 44 3.33 -12.37 18.58
N LYS A 45 2.16 -11.85 18.94
CA LYS A 45 1.73 -10.54 18.49
C LYS A 45 2.74 -9.47 18.88
N ALA A 46 3.20 -9.52 20.13
CA ALA A 46 4.17 -8.53 20.62
C ALA A 46 5.46 -8.59 19.82
N SER A 47 5.77 -9.77 19.29
CA SER A 47 7.00 -9.97 18.52
C SER A 47 6.89 -9.56 17.05
N CYS A 48 5.67 -9.30 16.57
CA CYS A 48 5.46 -8.88 15.18
C CYS A 48 5.72 -7.37 15.06
N LEU A 49 6.44 -6.98 14.02
CA LEU A 49 6.78 -5.57 13.81
C LEU A 49 5.64 -4.59 14.02
N TYR A 50 4.50 -4.83 13.38
CA TYR A 50 3.34 -3.96 13.51
C TYR A 50 2.21 -4.66 14.26
N GLY A 51 2.58 -5.66 15.06
CA GLY A 51 1.59 -6.39 15.85
C GLY A 51 0.54 -7.15 15.06
N GLN A 52 0.86 -7.52 13.82
CA GLN A 52 -0.10 -8.21 12.98
C GLN A 52 0.50 -9.28 12.07
N LEU A 53 -0.38 -10.09 11.48
CA LEU A 53 0.01 -11.12 10.54
C LEU A 53 -0.61 -10.72 9.19
N PRO A 54 -0.13 -11.28 8.08
CA PRO A 54 0.93 -12.28 7.95
C PRO A 54 2.37 -11.86 8.24
N LYS A 55 3.16 -12.89 8.57
CA LYS A 55 4.59 -12.78 8.79
C LYS A 55 5.11 -13.73 7.72
N PHE A 56 6.19 -13.35 7.04
CA PHE A 56 6.73 -14.19 5.97
C PHE A 56 8.22 -14.34 6.14
N GLN A 57 8.72 -15.55 5.92
CA GLN A 57 10.15 -15.81 6.03
C GLN A 57 10.71 -16.31 4.70
N ASP A 58 11.81 -15.70 4.28
CA ASP A 58 12.51 -16.12 3.07
C ASP A 58 13.94 -16.27 3.57
N GLY A 59 14.30 -17.48 3.95
CA GLY A 59 15.61 -17.69 4.54
C GLY A 59 15.57 -16.92 5.85
N ASP A 60 16.63 -16.17 6.17
CA ASP A 60 16.65 -15.41 7.41
C ASP A 60 16.02 -14.02 7.28
N LEU A 61 15.40 -13.75 6.15
CA LEU A 61 14.72 -12.47 5.95
C LEU A 61 13.27 -12.61 6.44
N THR A 62 12.93 -11.84 7.47
CA THR A 62 11.59 -11.86 8.04
C THR A 62 10.84 -10.61 7.60
N LEU A 63 9.72 -10.81 6.92
CA LEU A 63 8.91 -9.70 6.42
C LEU A 63 7.51 -9.70 7.02
N TYR A 64 6.92 -8.50 7.04
CA TYR A 64 5.56 -8.29 7.48
C TYR A 64 4.96 -7.43 6.37
N GLN A 65 3.64 -7.32 6.34
CA GLN A 65 2.88 -6.56 5.32
C GLN A 65 2.65 -7.38 4.05
N SER A 66 1.39 -7.75 3.82
CA SER A 66 1.03 -8.56 2.66
C SER A 66 1.55 -8.02 1.32
N ASN A 67 1.45 -6.71 1.09
CA ASN A 67 1.93 -6.14 -0.17
C ASN A 67 3.45 -6.11 -0.27
N THR A 68 4.11 -6.08 0.87
CA THR A 68 5.56 -6.14 0.90
C THR A 68 5.98 -7.54 0.45
N ILE A 69 5.24 -8.54 0.90
CA ILE A 69 5.54 -9.93 0.53
C ILE A 69 5.28 -10.12 -0.98
N LEU A 70 4.18 -9.57 -1.47
CA LEU A 70 3.88 -9.67 -2.90
C LEU A 70 4.97 -9.00 -3.74
N ARG A 71 5.38 -7.79 -3.35
CA ARG A 71 6.40 -7.09 -4.11
C ARG A 71 7.74 -7.79 -4.07
N HIS A 72 8.04 -8.41 -2.93
CA HIS A 72 9.29 -9.13 -2.77
C HIS A 72 9.33 -10.34 -3.71
N LEU A 73 8.26 -11.13 -3.71
CA LEU A 73 8.18 -12.27 -4.60
C LEU A 73 8.14 -11.79 -6.06
N GLY A 74 7.48 -10.66 -6.29
CA GLY A 74 7.42 -10.12 -7.63
C GLY A 74 8.81 -9.76 -8.14
N ARG A 75 9.60 -9.19 -7.25
CA ARG A 75 10.97 -8.79 -7.57
C ARG A 75 11.86 -10.03 -7.82
N THR A 76 11.87 -10.95 -6.86
CA THR A 76 12.71 -12.14 -6.93
C THR A 76 12.30 -13.21 -7.94
N LEU A 77 11.03 -13.21 -8.35
CA LEU A 77 10.57 -14.22 -9.30
C LEU A 77 10.28 -13.68 -10.70
N GLY A 78 10.62 -12.41 -10.94
CA GLY A 78 10.41 -11.81 -12.24
C GLY A 78 8.96 -11.58 -12.63
N LEU A 79 8.17 -11.10 -11.68
CA LEU A 79 6.74 -10.81 -11.90
C LEU A 79 6.49 -9.34 -11.57
N TYR A 80 7.33 -8.46 -12.10
CA TYR A 80 7.23 -7.03 -11.82
C TYR A 80 7.42 -6.16 -13.06
N GLY A 81 6.91 -6.63 -14.20
CA GLY A 81 7.04 -5.86 -15.42
C GLY A 81 8.36 -6.09 -16.13
N LYS A 82 8.45 -5.69 -17.39
CA LYS A 82 9.67 -5.89 -18.18
C LYS A 82 10.65 -4.72 -18.06
N ASP A 83 10.18 -3.57 -17.63
CA ASP A 83 11.03 -2.40 -17.45
C ASP A 83 10.50 -1.50 -16.32
N GLN A 84 11.14 -0.35 -16.13
CA GLN A 84 10.74 0.57 -15.06
C GLN A 84 9.34 1.13 -15.23
N GLN A 85 8.96 1.42 -16.46
CA GLN A 85 7.63 1.96 -16.73
C GLN A 85 6.56 0.94 -16.35
N GLU A 86 6.75 -0.32 -16.75
CA GLU A 86 5.79 -1.36 -16.42
C GLU A 86 5.71 -1.58 -14.92
N ALA A 87 6.86 -1.50 -14.25
CA ALA A 87 6.90 -1.69 -12.81
C ALA A 87 6.00 -0.67 -12.12
N ALA A 88 6.04 0.57 -12.58
CA ALA A 88 5.19 1.61 -12.00
C ALA A 88 3.72 1.29 -12.25
N LEU A 89 3.41 0.82 -13.45
CA LEU A 89 2.02 0.47 -13.78
C LEU A 89 1.55 -0.69 -12.92
N VAL A 90 2.43 -1.66 -12.68
CA VAL A 90 2.10 -2.80 -11.83
C VAL A 90 1.76 -2.28 -10.42
N ASP A 91 2.57 -1.34 -9.92
CA ASP A 91 2.32 -0.74 -8.60
C ASP A 91 0.98 -0.01 -8.57
N MET A 92 0.69 0.73 -9.64
CA MET A 92 -0.56 1.48 -9.72
C MET A 92 -1.76 0.55 -9.61
N VAL A 93 -1.67 -0.61 -10.24
CA VAL A 93 -2.75 -1.59 -10.17
C VAL A 93 -2.83 -2.18 -8.77
N ASN A 94 -1.69 -2.58 -8.20
CA ASN A 94 -1.73 -3.18 -6.88
C ASN A 94 -2.26 -2.23 -5.81
N ASP A 95 -1.89 -0.96 -5.89
CA ASP A 95 -2.37 0.00 -4.92
C ASP A 95 -3.88 0.17 -5.05
N GLY A 96 -4.38 0.08 -6.29
CA GLY A 96 -5.81 0.19 -6.51
C GLY A 96 -6.51 -1.03 -5.92
N VAL A 97 -5.92 -2.20 -6.11
CA VAL A 97 -6.47 -3.43 -5.55
C VAL A 97 -6.50 -3.34 -4.03
N GLU A 98 -5.40 -2.86 -3.45
CA GLU A 98 -5.31 -2.71 -2.00
C GLU A 98 -6.40 -1.76 -1.48
N ASP A 99 -6.64 -0.67 -2.18
CA ASP A 99 -7.67 0.29 -1.76
C ASP A 99 -9.04 -0.40 -1.65
N LEU A 100 -9.41 -1.16 -2.66
CA LEU A 100 -10.70 -1.85 -2.64
C LEU A 100 -10.71 -2.96 -1.59
N ARG A 101 -9.57 -3.64 -1.43
CA ARG A 101 -9.49 -4.71 -0.43
C ARG A 101 -9.76 -4.13 0.96
N CYS A 102 -9.23 -2.93 1.20
N CYS A 102 -9.23 -2.93 1.20
CA CYS A 102 -9.42 -2.27 2.48
CA CYS A 102 -9.42 -2.27 2.47
C CYS A 102 -10.89 -1.98 2.73
C CYS A 102 -10.89 -1.98 2.73
N LYS A 103 -11.60 -1.56 1.69
CA LYS A 103 -13.02 -1.27 1.80
C LYS A 103 -13.77 -2.58 2.04
N TYR A 104 -13.33 -3.63 1.36
CA TYR A 104 -13.93 -4.95 1.50
C TYR A 104 -13.77 -5.44 2.94
N ILE A 105 -12.54 -5.33 3.45
CA ILE A 105 -12.24 -5.76 4.81
C ILE A 105 -13.09 -5.00 5.83
N SER A 106 -13.24 -3.70 5.60
CA SER A 106 -14.04 -2.86 6.49
C SER A 106 -15.49 -3.34 6.54
N LEU A 107 -16.04 -3.68 5.37
CA LEU A 107 -17.42 -4.17 5.31
C LEU A 107 -17.55 -5.49 6.06
N ILE A 108 -16.70 -6.45 5.70
CA ILE A 108 -16.72 -7.78 6.31
C ILE A 108 -16.60 -7.78 7.83
N TYR A 109 -15.59 -7.07 8.34
CA TYR A 109 -15.31 -7.07 9.77
C TYR A 109 -15.97 -6.01 10.65
N THR A 110 -16.49 -4.94 10.06
CA THR A 110 -17.07 -3.89 10.88
C THR A 110 -18.48 -3.40 10.56
N ASN A 111 -19.02 -3.78 9.40
CA ASN A 111 -20.34 -3.27 9.05
C ASN A 111 -21.05 -4.08 7.99
N TYR A 112 -20.95 -5.41 8.08
CA TYR A 112 -21.56 -6.28 7.08
C TYR A 112 -23.07 -6.11 6.93
N GLU A 113 -23.77 -6.22 8.06
CA GLU A 113 -25.23 -6.11 8.07
C GLU A 113 -25.79 -4.84 7.45
N ALA A 114 -25.41 -3.70 8.02
CA ALA A 114 -25.93 -2.41 7.56
C ALA A 114 -25.24 -1.80 6.33
N GLY A 115 -24.03 -2.25 6.03
CA GLY A 115 -23.31 -1.67 4.91
C GLY A 115 -23.23 -2.44 3.61
N LYS A 116 -23.69 -3.69 3.59
CA LYS A 116 -23.60 -4.50 2.37
C LYS A 116 -24.37 -3.96 1.17
N ASP A 117 -25.60 -3.51 1.38
CA ASP A 117 -26.38 -2.98 0.26
C ASP A 117 -25.70 -1.79 -0.42
N ASP A 118 -25.20 -0.85 0.37
CA ASP A 118 -24.53 0.32 -0.17
C ASP A 118 -23.24 -0.09 -0.89
N TYR A 119 -22.50 -1.02 -0.27
CA TYR A 119 -21.25 -1.49 -0.84
C TYR A 119 -21.45 -2.15 -2.21
N VAL A 120 -22.48 -2.97 -2.32
CA VAL A 120 -22.75 -3.67 -3.58
C VAL A 120 -23.19 -2.68 -4.66
N LYS A 121 -23.89 -1.63 -4.25
CA LYS A 121 -24.36 -0.61 -5.19
C LYS A 121 -23.18 0.19 -5.74
N ALA A 122 -22.17 0.40 -4.91
CA ALA A 122 -20.99 1.16 -5.30
C ALA A 122 -19.94 0.28 -5.98
N LEU A 123 -20.09 -1.03 -5.87
CA LEU A 123 -19.12 -1.96 -6.43
C LEU A 123 -18.78 -1.80 -7.92
N PRO A 124 -19.78 -1.60 -8.79
CA PRO A 124 -19.46 -1.44 -10.21
C PRO A 124 -18.47 -0.31 -10.47
N GLY A 125 -18.66 0.82 -9.79
CA GLY A 125 -17.77 1.94 -9.97
C GLY A 125 -16.36 1.68 -9.46
N GLN A 126 -16.24 0.72 -8.55
CA GLN A 126 -14.93 0.36 -7.98
C GLN A 126 -14.19 -0.67 -8.83
N LEU A 127 -14.94 -1.44 -9.60
CA LEU A 127 -14.35 -2.48 -10.45
C LEU A 127 -14.00 -1.96 -11.83
N LYS A 128 -14.75 -0.95 -12.28
CA LYS A 128 -14.57 -0.39 -13.61
C LYS A 128 -13.14 -0.02 -13.99
N PRO A 129 -12.37 0.60 -13.06
CA PRO A 129 -10.99 0.96 -13.39
C PRO A 129 -10.15 -0.23 -13.89
N PHE A 130 -10.40 -1.40 -13.33
CA PHE A 130 -9.65 -2.58 -13.72
C PHE A 130 -10.08 -3.07 -15.10
N GLU A 131 -11.37 -2.93 -15.39
CA GLU A 131 -11.90 -3.30 -16.71
C GLU A 131 -11.27 -2.35 -17.72
N THR A 132 -11.18 -1.08 -17.34
CA THR A 132 -10.58 -0.06 -18.21
C THR A 132 -9.12 -0.39 -18.49
N LEU A 133 -8.37 -0.75 -17.45
CA LEU A 133 -6.98 -1.11 -17.63
C LEU A 133 -6.84 -2.28 -18.60
N LEU A 134 -7.67 -3.30 -18.43
CA LEU A 134 -7.62 -4.44 -19.32
C LEU A 134 -7.92 -4.03 -20.76
N SER A 135 -8.96 -3.21 -20.93
CA SER A 135 -9.35 -2.77 -22.27
C SER A 135 -8.26 -2.04 -23.00
N GLN A 136 -7.35 -1.41 -22.25
CA GLN A 136 -6.27 -0.64 -22.84
C GLN A 136 -4.97 -1.43 -22.98
N ASN A 137 -5.02 -2.72 -22.61
CA ASN A 137 -3.85 -3.58 -22.71
C ASN A 137 -4.14 -4.78 -23.62
N GLN A 138 -3.89 -4.61 -24.91
CA GLN A 138 -4.12 -5.67 -25.88
C GLN A 138 -5.51 -6.27 -25.78
N GLY A 139 -6.52 -5.40 -25.75
CA GLY A 139 -7.90 -5.84 -25.69
C GLY A 139 -8.27 -6.66 -24.47
N GLY A 140 -7.39 -6.66 -23.47
CA GLY A 140 -7.66 -7.40 -22.24
C GLY A 140 -7.49 -8.91 -22.37
N LYS A 141 -6.75 -9.34 -23.39
CA LYS A 141 -6.55 -10.75 -23.65
C LYS A 141 -5.35 -11.39 -22.95
N THR A 142 -4.53 -10.57 -22.30
CA THR A 142 -3.35 -11.11 -21.62
C THR A 142 -3.38 -10.90 -20.11
N PHE A 143 -2.63 -9.90 -19.64
CA PHE A 143 -2.57 -9.64 -18.21
C PHE A 143 -2.96 -8.21 -17.88
N ILE A 144 -2.97 -7.86 -16.61
CA ILE A 144 -3.37 -6.52 -16.21
C ILE A 144 -2.36 -5.46 -16.67
N VAL A 145 -1.08 -5.84 -16.68
CA VAL A 145 -0.01 -4.96 -17.15
C VAL A 145 0.94 -5.73 -18.07
N GLY A 146 1.14 -5.22 -19.29
CA GLY A 146 2.04 -5.85 -20.23
C GLY A 146 1.62 -7.23 -20.72
N ASP A 147 2.58 -7.98 -21.24
CA ASP A 147 2.29 -9.32 -21.78
C ASP A 147 2.80 -10.45 -20.91
N GLN A 148 3.14 -10.15 -19.66
CA GLN A 148 3.62 -11.16 -18.73
C GLN A 148 2.91 -10.98 -17.40
N ILE A 149 2.67 -12.09 -16.70
CA ILE A 149 1.98 -12.04 -15.42
C ILE A 149 2.81 -11.29 -14.38
N SER A 150 2.12 -10.60 -13.46
CA SER A 150 2.79 -9.85 -12.40
C SER A 150 2.12 -10.15 -11.07
N PHE A 151 2.74 -9.73 -9.98
CA PHE A 151 2.16 -9.97 -8.66
C PHE A 151 0.80 -9.29 -8.53
N ALA A 152 0.59 -8.21 -9.28
CA ALA A 152 -0.68 -7.50 -9.25
C ALA A 152 -1.79 -8.35 -9.84
N ASP A 153 -1.47 -9.21 -10.80
CA ASP A 153 -2.48 -10.10 -11.38
C ASP A 153 -3.04 -11.04 -10.31
N TYR A 154 -2.16 -11.60 -9.48
CA TYR A 154 -2.59 -12.53 -8.44
C TYR A 154 -3.47 -11.82 -7.41
N ASN A 155 -3.08 -10.59 -7.05
CA ASN A 155 -3.84 -9.80 -6.07
C ASN A 155 -5.19 -9.44 -6.65
N LEU A 156 -5.22 -8.96 -7.89
CA LEU A 156 -6.47 -8.60 -8.55
C LEU A 156 -7.37 -9.82 -8.69
N LEU A 157 -6.79 -10.94 -9.10
CA LEU A 157 -7.58 -12.17 -9.26
C LEU A 157 -8.28 -12.52 -7.95
N ASP A 158 -7.54 -12.47 -6.84
CA ASP A 158 -8.17 -12.78 -5.56
C ASP A 158 -9.28 -11.78 -5.24
N LEU A 159 -9.01 -10.51 -5.49
CA LEU A 159 -10.00 -9.47 -5.23
C LEU A 159 -11.28 -9.78 -6.00
N LEU A 160 -11.13 -10.20 -7.25
CA LEU A 160 -12.30 -10.51 -8.06
C LEU A 160 -13.03 -11.75 -7.58
N LEU A 161 -12.26 -12.77 -7.19
CA LEU A 161 -12.86 -14.02 -6.72
C LEU A 161 -13.71 -13.82 -5.47
N ILE A 162 -13.19 -13.06 -4.49
CA ILE A 162 -13.95 -12.87 -3.26
C ILE A 162 -15.14 -11.97 -3.47
N HIS A 163 -15.08 -11.09 -4.46
CA HIS A 163 -16.21 -10.21 -4.73
C HIS A 163 -17.32 -10.96 -5.46
N GLU A 164 -16.97 -12.02 -6.17
CA GLU A 164 -17.97 -12.84 -6.83
C GLU A 164 -18.75 -13.60 -5.76
N VAL A 165 -18.08 -13.91 -4.65
CA VAL A 165 -18.74 -14.61 -3.55
C VAL A 165 -19.63 -13.63 -2.80
N LEU A 166 -19.16 -12.41 -2.65
CA LEU A 166 -19.90 -11.36 -1.93
C LEU A 166 -21.11 -10.88 -2.74
N ALA A 167 -20.90 -10.68 -4.03
CA ALA A 167 -21.95 -10.19 -4.92
C ALA A 167 -21.98 -11.00 -6.20
N PRO A 168 -22.55 -12.21 -6.14
CA PRO A 168 -22.63 -13.09 -7.32
C PRO A 168 -23.12 -12.37 -8.57
N GLY A 169 -22.35 -12.52 -9.65
CA GLY A 169 -22.72 -11.88 -10.91
C GLY A 169 -22.19 -10.46 -11.08
N CYS A 170 -21.40 -9.98 -10.13
CA CYS A 170 -20.88 -8.63 -10.22
C CYS A 170 -19.98 -8.41 -11.44
N LEU A 171 -19.45 -9.49 -12.00
CA LEU A 171 -18.59 -9.36 -13.18
C LEU A 171 -19.36 -9.46 -14.49
N ASP A 172 -20.68 -9.60 -14.41
CA ASP A 172 -21.48 -9.69 -15.63
C ASP A 172 -21.47 -8.35 -16.37
N ALA A 173 -21.15 -7.28 -15.65
CA ALA A 173 -21.10 -5.95 -16.24
C ALA A 173 -19.70 -5.67 -16.81
N PHE A 174 -18.79 -6.59 -16.58
CA PHE A 174 -17.40 -6.42 -17.03
C PHE A 174 -16.88 -7.64 -17.77
N PRO A 175 -17.11 -7.70 -19.10
CA PRO A 175 -16.68 -8.82 -19.94
C PRO A 175 -15.20 -9.16 -19.86
N LEU A 176 -14.32 -8.15 -19.89
CA LEU A 176 -12.89 -8.42 -19.86
C LEU A 176 -12.45 -8.99 -18.51
N LEU A 177 -12.94 -8.43 -17.42
CA LEU A 177 -12.58 -8.94 -16.09
C LEU A 177 -13.10 -10.37 -15.93
N SER A 178 -14.29 -10.63 -16.45
CA SER A 178 -14.88 -11.96 -16.36
C SER A 178 -14.04 -12.99 -17.09
N ALA A 179 -13.65 -12.69 -18.32
CA ALA A 179 -12.83 -13.61 -19.11
C ALA A 179 -11.45 -13.74 -18.48
N TYR A 180 -10.99 -12.64 -17.88
CA TYR A 180 -9.70 -12.59 -17.22
C TYR A 180 -9.63 -13.58 -16.05
N VAL A 181 -10.68 -13.59 -15.23
CA VAL A 181 -10.74 -14.51 -14.10
C VAL A 181 -10.74 -15.95 -14.58
N GLY A 182 -11.53 -16.23 -15.62
CA GLY A 182 -11.59 -17.59 -16.14
C GLY A 182 -10.27 -18.03 -16.73
N ARG A 183 -9.61 -17.12 -17.44
CA ARG A 183 -8.33 -17.41 -18.08
C ARG A 183 -7.22 -17.69 -17.07
N LEU A 184 -7.04 -16.79 -16.11
CA LEU A 184 -5.99 -16.98 -15.11
C LEU A 184 -6.27 -18.20 -14.22
N SER A 185 -7.54 -18.40 -13.88
CA SER A 185 -7.91 -19.53 -13.02
C SER A 185 -7.66 -20.86 -13.71
N ALA A 186 -7.56 -20.84 -15.04
CA ALA A 186 -7.34 -22.06 -15.82
C ALA A 186 -5.87 -22.42 -15.96
N ARG A 187 -4.98 -21.55 -15.51
CA ARG A 187 -3.55 -21.86 -15.57
C ARG A 187 -3.39 -23.15 -14.76
N PRO A 188 -2.82 -24.19 -15.37
CA PRO A 188 -2.60 -25.50 -14.75
C PRO A 188 -2.25 -25.55 -13.26
N LYS A 189 -1.12 -24.98 -12.88
CA LYS A 189 -0.70 -25.02 -11.49
C LYS A 189 -1.67 -24.28 -10.57
N LEU A 190 -2.18 -23.14 -11.03
CA LEU A 190 -3.12 -22.36 -10.24
C LEU A 190 -4.45 -23.07 -10.11
N LYS A 191 -4.91 -23.67 -11.21
CA LYS A 191 -6.18 -24.39 -11.20
C LYS A 191 -6.13 -25.50 -10.15
N ALA A 192 -5.02 -26.25 -10.13
CA ALA A 192 -4.85 -27.33 -9.17
C ALA A 192 -4.86 -26.81 -7.74
N PHE A 193 -4.15 -25.71 -7.52
CA PHE A 193 -4.09 -25.12 -6.18
C PHE A 193 -5.48 -24.69 -5.71
N LEU A 194 -6.18 -23.95 -6.55
CA LEU A 194 -7.51 -23.44 -6.21
C LEU A 194 -8.52 -24.53 -5.87
N ALA A 195 -8.32 -25.72 -6.42
CA ALA A 195 -9.22 -26.85 -6.18
C ALA A 195 -8.75 -27.75 -5.03
N SER A 196 -7.53 -27.50 -4.55
CA SER A 196 -6.96 -28.31 -3.48
C SER A 196 -7.53 -27.99 -2.10
N PRO A 197 -7.51 -28.99 -1.19
CA PRO A 197 -8.03 -28.81 0.18
C PRO A 197 -7.31 -27.69 0.91
N GLU A 198 -6.04 -27.50 0.56
CA GLU A 198 -5.19 -26.47 1.15
C GLU A 198 -5.82 -25.08 0.99
N TYR A 199 -6.52 -24.87 -0.10
CA TYR A 199 -7.17 -23.60 -0.39
C TYR A 199 -8.66 -23.65 -0.06
N VAL A 200 -9.35 -24.67 -0.57
CA VAL A 200 -10.78 -24.80 -0.37
C VAL A 200 -11.27 -24.92 1.06
N ASN A 201 -10.52 -25.62 1.91
CA ASN A 201 -10.97 -25.81 3.28
C ASN A 201 -10.66 -24.68 4.25
N LEU A 202 -10.17 -23.57 3.70
CA LEU A 202 -9.89 -22.39 4.49
C LEU A 202 -10.99 -21.39 4.16
N PRO A 203 -11.51 -20.68 5.17
CA PRO A 203 -12.56 -19.70 4.90
C PRO A 203 -11.91 -18.44 4.33
N ILE A 204 -12.67 -17.64 3.58
CA ILE A 204 -12.14 -16.42 3.01
C ILE A 204 -11.68 -15.47 4.11
N ASN A 205 -12.53 -15.29 5.11
CA ASN A 205 -12.24 -14.40 6.22
C ASN A 205 -12.28 -15.15 7.57
N GLY A 206 -11.95 -14.45 8.64
CA GLY A 206 -11.91 -15.10 9.94
C GLY A 206 -13.13 -14.95 10.85
N ASN A 207 -14.14 -14.22 10.39
CA ASN A 207 -15.33 -14.00 11.21
C ASN A 207 -16.57 -14.70 10.66
N GLY A 208 -16.37 -15.60 9.70
CA GLY A 208 -17.47 -16.34 9.12
C GLY A 208 -18.32 -15.60 8.10
N LYS A 209 -17.93 -14.39 7.74
CA LYS A 209 -18.69 -13.61 6.77
C LYS A 209 -18.00 -13.58 5.41
N GLN A 210 -18.79 -13.51 4.34
CA GLN A 210 -18.25 -13.48 2.98
C GLN A 210 -19.31 -12.97 2.01
N PRO B 2 11.76 12.80 -16.40
CA PRO B 2 11.08 14.10 -16.26
C PRO B 2 10.75 14.71 -17.62
N PRO B 3 10.17 15.92 -17.65
CA PRO B 3 9.80 16.77 -16.51
C PRO B 3 8.68 16.16 -15.66
N TYR B 4 8.57 16.64 -14.43
CA TYR B 4 7.55 16.15 -13.50
C TYR B 4 6.43 17.15 -13.27
N THR B 5 5.21 16.64 -13.13
CA THR B 5 4.06 17.48 -12.83
C THR B 5 3.23 16.82 -11.75
N VAL B 6 2.90 17.58 -10.70
CA VAL B 6 2.08 17.08 -9.60
C VAL B 6 0.71 17.73 -9.71
N VAL B 7 -0.33 16.92 -9.84
CA VAL B 7 -1.70 17.43 -9.93
C VAL B 7 -2.41 17.10 -8.62
N TYR B 8 -2.78 18.12 -7.87
CA TYR B 8 -3.36 17.88 -6.55
C TYR B 8 -4.10 19.09 -5.99
N PHE B 9 -4.80 18.87 -4.88
CA PHE B 9 -5.52 19.94 -4.20
C PHE B 9 -4.51 20.80 -3.44
N PRO B 10 -4.90 22.01 -3.05
CA PRO B 10 -3.97 22.89 -2.33
C PRO B 10 -3.81 22.50 -0.85
N VAL B 11 -3.21 21.33 -0.63
CA VAL B 11 -2.93 20.82 0.71
C VAL B 11 -1.67 19.98 0.64
N ARG B 12 -1.07 19.71 1.80
CA ARG B 12 0.13 18.88 1.86
C ARG B 12 -0.32 17.43 1.64
N GLY B 13 -1.17 16.95 2.55
CA GLY B 13 -1.73 15.60 2.44
C GLY B 13 -0.85 14.50 1.88
N ARG B 14 -1.35 13.81 0.85
CA ARG B 14 -0.63 12.69 0.25
C ARG B 14 0.47 13.04 -0.74
N CYS B 15 0.74 14.33 -0.92
CA CYS B 15 1.82 14.77 -1.82
C CYS B 15 3.00 15.34 -1.05
N ALA B 16 2.83 15.51 0.26
CA ALA B 16 3.89 16.05 1.11
C ALA B 16 5.20 15.27 0.99
N ALA B 17 5.12 13.94 1.14
CA ALA B 17 6.31 13.11 1.06
C ALA B 17 7.00 13.13 -0.29
N LEU B 18 6.25 12.99 -1.38
CA LEU B 18 6.86 12.99 -2.70
C LEU B 18 7.44 14.36 -3.05
N ARG B 19 6.85 15.41 -2.48
CA ARG B 19 7.38 16.76 -2.71
C ARG B 19 8.71 16.91 -1.99
N MET B 20 8.79 16.41 -0.75
CA MET B 20 10.03 16.49 0.02
C MET B 20 11.10 15.71 -0.71
N LEU B 21 10.73 14.57 -1.29
CA LEU B 21 11.66 13.73 -2.02
C LEU B 21 12.23 14.47 -3.23
N LEU B 22 11.35 15.07 -4.04
CA LEU B 22 11.78 15.79 -5.22
C LEU B 22 12.68 16.98 -4.86
N ALA B 23 12.30 17.71 -3.81
CA ALA B 23 13.07 18.86 -3.37
C ALA B 23 14.45 18.44 -2.88
N ASP B 24 14.48 17.47 -1.97
CA ASP B 24 15.74 17.00 -1.41
C ASP B 24 16.68 16.42 -2.47
N GLN B 25 16.09 15.84 -3.52
CA GLN B 25 16.87 15.23 -4.59
C GLN B 25 17.23 16.24 -5.69
N GLY B 26 16.94 17.51 -5.44
CA GLY B 26 17.26 18.55 -6.41
C GLY B 26 16.53 18.42 -7.73
N GLN B 27 15.33 17.87 -7.69
CA GLN B 27 14.53 17.69 -8.90
C GLN B 27 13.59 18.87 -9.07
N SER B 28 13.28 19.18 -10.32
CA SER B 28 12.36 20.28 -10.61
C SER B 28 11.00 19.70 -10.99
N TRP B 29 9.94 20.41 -10.63
CA TRP B 29 8.60 19.95 -10.95
C TRP B 29 7.60 21.09 -10.97
N LYS B 30 6.49 20.88 -11.67
CA LYS B 30 5.44 21.87 -11.76
C LYS B 30 4.26 21.42 -10.89
N GLU B 31 3.61 22.39 -10.24
CA GLU B 31 2.44 22.07 -9.44
C GLU B 31 1.20 22.50 -10.18
N GLU B 32 0.30 21.56 -10.42
CA GLU B 32 -0.96 21.87 -11.08
C GLU B 32 -1.99 21.83 -9.95
N VAL B 33 -2.32 23.00 -9.41
CA VAL B 33 -3.26 23.11 -8.30
C VAL B 33 -4.70 22.97 -8.77
N VAL B 34 -5.40 22.00 -8.20
CA VAL B 34 -6.81 21.77 -8.53
C VAL B 34 -7.66 22.20 -7.34
N THR B 35 -8.45 23.25 -7.52
CA THR B 35 -9.30 23.74 -6.45
C THR B 35 -10.51 22.82 -6.26
N VAL B 36 -11.10 22.88 -5.07
CA VAL B 36 -12.27 22.06 -4.76
C VAL B 36 -13.40 22.39 -5.73
N GLU B 37 -13.51 23.66 -6.10
CA GLU B 37 -14.56 24.09 -7.03
C GLU B 37 -14.38 23.42 -8.38
N THR B 38 -13.14 23.39 -8.87
CA THR B 38 -12.84 22.76 -10.15
C THR B 38 -13.08 21.25 -10.06
N TRP B 39 -12.74 20.68 -8.91
CA TRP B 39 -12.93 19.24 -8.70
C TRP B 39 -14.41 18.88 -8.70
N GLN B 40 -15.23 19.73 -8.06
CA GLN B 40 -16.66 19.49 -7.98
C GLN B 40 -17.31 19.59 -9.36
N GLU B 41 -16.58 20.18 -10.30
CA GLU B 41 -17.08 20.32 -11.66
C GLU B 41 -17.28 18.93 -12.25
N GLY B 42 -16.45 17.98 -11.84
CA GLY B 42 -16.61 16.60 -12.29
C GLY B 42 -15.73 16.07 -13.42
N SER B 43 -15.32 16.95 -14.33
CA SER B 43 -14.51 16.53 -15.48
C SER B 43 -13.19 15.85 -15.14
N LEU B 44 -12.34 16.54 -14.38
CA LEU B 44 -11.04 15.96 -14.02
C LEU B 44 -11.20 14.63 -13.30
N LYS B 45 -12.06 14.62 -12.28
CA LYS B 45 -12.30 13.41 -11.49
C LYS B 45 -12.66 12.20 -12.36
N ALA B 46 -13.56 12.40 -13.31
CA ALA B 46 -13.99 11.31 -14.17
C ALA B 46 -12.83 10.77 -15.02
N SER B 47 -11.84 11.63 -15.30
CA SER B 47 -10.69 11.24 -16.12
C SER B 47 -9.60 10.54 -15.31
N CYS B 48 -9.70 10.58 -13.99
CA CYS B 48 -8.69 9.95 -13.13
C CYS B 48 -8.96 8.45 -13.02
N LEU B 49 -7.90 7.65 -13.13
CA LEU B 49 -8.06 6.20 -13.09
C LEU B 49 -8.97 5.71 -11.97
N TYR B 50 -8.70 6.16 -10.75
CA TYR B 50 -9.49 5.77 -9.58
C TYR B 50 -10.35 6.92 -9.07
N GLY B 51 -10.60 7.91 -9.92
CA GLY B 51 -11.41 9.06 -9.55
C GLY B 51 -10.84 9.89 -8.41
N GLN B 52 -9.53 9.86 -8.24
CA GLN B 52 -8.89 10.62 -7.16
C GLN B 52 -7.55 11.22 -7.55
N LEU B 53 -7.08 12.13 -6.70
CA LEU B 53 -5.77 12.75 -6.87
C LEU B 53 -4.95 12.24 -5.69
N PRO B 54 -3.61 12.36 -5.75
CA PRO B 54 -2.80 12.96 -6.81
C PRO B 54 -2.68 12.20 -8.13
N LYS B 55 -2.42 12.97 -9.17
CA LYS B 55 -2.16 12.48 -10.52
C LYS B 55 -0.72 12.95 -10.72
N PHE B 56 0.09 12.16 -11.41
CA PHE B 56 1.50 12.53 -11.58
C PHE B 56 1.94 12.32 -13.02
N GLN B 57 2.75 13.25 -13.53
CA GLN B 57 3.23 13.15 -14.89
C GLN B 57 4.75 13.13 -14.93
N ASP B 58 5.31 12.10 -15.56
CA ASP B 58 6.75 11.96 -15.72
C ASP B 58 6.96 11.78 -17.22
N GLY B 59 7.17 12.89 -17.93
CA GLY B 59 7.32 12.80 -19.37
C GLY B 59 5.99 12.38 -19.95
N ASP B 60 5.98 11.28 -20.69
CA ASP B 60 4.76 10.78 -21.29
C ASP B 60 4.05 9.77 -20.39
N LEU B 61 4.61 9.52 -19.21
CA LEU B 61 4.02 8.57 -18.27
C LEU B 61 3.10 9.26 -17.28
N THR B 62 1.87 8.76 -17.18
CA THR B 62 0.88 9.31 -16.26
C THR B 62 0.58 8.28 -15.17
N LEU B 63 0.75 8.68 -13.92
CA LEU B 63 0.51 7.78 -12.79
C LEU B 63 -0.50 8.34 -11.81
N TYR B 64 -1.10 7.43 -11.04
CA TYR B 64 -2.03 7.75 -9.96
C TYR B 64 -1.54 6.91 -8.79
N GLN B 65 -2.04 7.22 -7.59
CA GLN B 65 -1.68 6.54 -6.34
C GLN B 65 -0.38 7.07 -5.74
N SER B 66 -0.50 7.74 -4.61
CA SER B 66 0.65 8.35 -3.95
C SER B 66 1.85 7.42 -3.74
N ASN B 67 1.59 6.18 -3.36
CA ASN B 67 2.71 5.24 -3.13
C ASN B 67 3.31 4.71 -4.42
N THR B 68 2.53 4.75 -5.50
CA THR B 68 3.03 4.31 -6.81
C THR B 68 4.02 5.39 -7.26
N ILE B 69 3.67 6.64 -7.03
CA ILE B 69 4.54 7.75 -7.39
C ILE B 69 5.82 7.69 -6.57
N LEU B 70 5.70 7.44 -5.27
CA LEU B 70 6.88 7.32 -4.42
C LEU B 70 7.80 6.18 -4.87
N ARG B 71 7.21 5.02 -5.16
CA ARG B 71 7.99 3.87 -5.60
C ARG B 71 8.63 4.09 -6.97
N HIS B 72 7.94 4.81 -7.84
CA HIS B 72 8.47 5.09 -9.18
C HIS B 72 9.69 6.00 -9.07
N LEU B 73 9.57 7.06 -8.29
CA LEU B 73 10.68 7.98 -8.08
C LEU B 73 11.81 7.25 -7.37
N GLY B 74 11.45 6.35 -6.46
CA GLY B 74 12.46 5.60 -5.74
C GLY B 74 13.23 4.69 -6.68
N ARG B 75 12.49 4.10 -7.61
CA ARG B 75 13.05 3.17 -8.58
C ARG B 75 13.96 3.90 -9.58
N THR B 76 13.46 5.01 -10.11
CA THR B 76 14.20 5.77 -11.12
C THR B 76 15.33 6.65 -10.57
N LEU B 77 15.22 7.09 -9.31
CA LEU B 77 16.25 7.94 -8.73
C LEU B 77 17.20 7.21 -7.81
N GLY B 78 17.02 5.90 -7.67
CA GLY B 78 17.89 5.11 -6.82
C GLY B 78 17.69 5.34 -5.33
N LEU B 79 16.42 5.40 -4.91
CA LEU B 79 16.09 5.60 -3.49
C LEU B 79 15.27 4.40 -3.04
N TYR B 80 15.79 3.20 -3.30
CA TYR B 80 15.08 1.96 -2.99
C TYR B 80 15.98 0.86 -2.42
N GLY B 81 16.99 1.24 -1.64
CA GLY B 81 17.86 0.24 -1.05
C GLY B 81 18.96 -0.19 -2.01
N LYS B 82 19.93 -0.95 -1.50
CA LYS B 82 21.07 -1.38 -2.32
C LYS B 82 20.84 -2.69 -3.08
N ASP B 83 19.88 -3.47 -2.63
CA ASP B 83 19.58 -4.76 -3.27
C ASP B 83 18.14 -5.18 -2.97
N GLN B 84 17.77 -6.36 -3.45
CA GLN B 84 16.41 -6.86 -3.25
C GLN B 84 16.01 -6.98 -1.79
N GLN B 85 16.94 -7.44 -0.96
CA GLN B 85 16.65 -7.58 0.45
C GLN B 85 16.29 -6.23 1.07
N GLU B 86 17.10 -5.21 0.79
CA GLU B 86 16.83 -3.88 1.34
C GLU B 86 15.55 -3.30 0.72
N ALA B 87 15.31 -3.59 -0.54
CA ALA B 87 14.11 -3.11 -1.22
C ALA B 87 12.86 -3.62 -0.51
N ALA B 88 12.91 -4.88 -0.07
CA ALA B 88 11.80 -5.47 0.65
C ALA B 88 11.61 -4.77 1.99
N LEU B 89 12.70 -4.44 2.66
CA LEU B 89 12.62 -3.75 3.95
C LEU B 89 12.06 -2.34 3.75
N VAL B 90 12.45 -1.70 2.64
CA VAL B 90 11.94 -0.36 2.32
C VAL B 90 10.42 -0.44 2.15
N ASP B 91 9.95 -1.45 1.44
CA ASP B 91 8.52 -1.63 1.23
C ASP B 91 7.82 -1.88 2.55
N MET B 92 8.44 -2.69 3.42
CA MET B 92 7.85 -3.00 4.71
C MET B 92 7.65 -1.74 5.55
N VAL B 93 8.63 -0.85 5.50
CA VAL B 93 8.53 0.43 6.21
C VAL B 93 7.44 1.28 5.56
N ASN B 94 7.46 1.39 4.23
CA ASN B 94 6.46 2.22 3.58
C ASN B 94 5.03 1.76 3.82
N ASP B 95 4.82 0.44 3.80
CA ASP B 95 3.47 -0.09 4.03
C ASP B 95 3.04 0.20 5.46
N GLY B 96 3.99 0.19 6.40
CA GLY B 96 3.65 0.50 7.78
C GLY B 96 3.29 1.97 7.91
N VAL B 97 4.01 2.82 7.18
CA VAL B 97 3.73 4.25 7.18
C VAL B 97 2.34 4.47 6.60
N GLU B 98 2.02 3.79 5.50
CA GLU B 98 0.72 3.91 4.85
C GLU B 98 -0.42 3.50 5.79
N ASP B 99 -0.22 2.40 6.53
CA ASP B 99 -1.26 1.95 7.46
C ASP B 99 -1.58 3.00 8.51
N LEU B 100 -0.55 3.62 9.10
CA LEU B 100 -0.81 4.65 10.10
C LEU B 100 -1.37 5.91 9.43
N ARG B 101 -0.90 6.22 8.23
CA ARG B 101 -1.42 7.39 7.53
C ARG B 101 -2.92 7.22 7.29
N CYS B 102 -3.34 6.00 6.95
N CYS B 102 -3.32 5.99 6.95
CA CYS B 102 -4.75 5.72 6.69
CA CYS B 102 -4.74 5.70 6.70
C CYS B 102 -5.57 5.94 7.97
C CYS B 102 -5.56 5.94 7.96
N LYS B 103 -5.02 5.53 9.11
CA LYS B 103 -5.70 5.71 10.38
C LYS B 103 -5.80 7.19 10.71
N TYR B 104 -4.72 7.91 10.43
CA TYR B 104 -4.65 9.36 10.67
C TYR B 104 -5.72 10.04 9.81
N ILE B 105 -5.76 9.68 8.53
CA ILE B 105 -6.73 10.26 7.60
C ILE B 105 -8.16 9.96 8.06
N SER B 106 -8.41 8.74 8.51
CA SER B 106 -9.74 8.35 8.99
C SER B 106 -10.14 9.27 10.16
N LEU B 107 -9.22 9.48 11.08
CA LEU B 107 -9.48 10.34 12.22
C LEU B 107 -9.80 11.76 11.77
N ILE B 108 -8.89 12.35 10.99
CA ILE B 108 -9.02 13.72 10.51
C ILE B 108 -10.33 14.01 9.76
N TYR B 109 -10.66 13.17 8.79
CA TYR B 109 -11.83 13.39 7.96
C TYR B 109 -13.16 12.79 8.39
N THR B 110 -13.15 11.79 9.27
CA THR B 110 -14.41 11.17 9.65
C THR B 110 -14.76 11.06 11.14
N ASN B 111 -13.79 11.31 12.03
CA ASN B 111 -14.08 11.15 13.45
C ASN B 111 -13.13 11.91 14.37
N TYR B 112 -12.76 13.12 13.97
CA TYR B 112 -11.83 13.93 14.75
C TYR B 112 -12.28 14.23 16.18
N GLU B 113 -13.46 14.82 16.32
CA GLU B 113 -13.98 15.20 17.63
C GLU B 113 -14.08 14.05 18.64
N ALA B 114 -14.77 12.98 18.26
CA ALA B 114 -14.97 11.85 19.16
C ALA B 114 -13.85 10.83 19.21
N GLY B 115 -13.00 10.79 18.19
CA GLY B 115 -11.95 9.79 18.17
C GLY B 115 -10.52 10.20 18.48
N LYS B 116 -10.24 11.49 18.59
CA LYS B 116 -8.89 11.95 18.86
C LYS B 116 -8.27 11.38 20.15
N ASP B 117 -9.06 11.36 21.23
CA ASP B 117 -8.56 10.87 22.50
C ASP B 117 -8.04 9.43 22.43
N ASP B 118 -8.81 8.54 21.84
CA ASP B 118 -8.39 7.14 21.72
C ASP B 118 -7.20 7.02 20.78
N TYR B 119 -7.20 7.83 19.72
CA TYR B 119 -6.13 7.81 18.73
C TYR B 119 -4.79 8.22 19.36
N VAL B 120 -4.80 9.32 20.10
CA VAL B 120 -3.59 9.83 20.74
C VAL B 120 -3.06 8.86 21.79
N LYS B 121 -3.95 8.22 22.53
CA LYS B 121 -3.52 7.27 23.55
C LYS B 121 -2.89 6.02 22.93
N ALA B 122 -3.36 5.66 21.74
CA ALA B 122 -2.82 4.50 21.03
C ALA B 122 -1.58 4.85 20.21
N LEU B 123 -1.32 6.15 20.05
CA LEU B 123 -0.19 6.61 19.23
C LEU B 123 1.20 6.07 19.60
N PRO B 124 1.56 6.08 20.90
CA PRO B 124 2.89 5.56 21.25
C PRO B 124 3.16 4.17 20.65
N GLY B 125 2.19 3.28 20.82
CA GLY B 125 2.32 1.92 20.31
C GLY B 125 2.40 1.84 18.79
N GLN B 126 1.87 2.85 18.12
CA GLN B 126 1.89 2.89 16.66
C GLN B 126 3.21 3.46 16.13
N LEU B 127 3.88 4.24 16.96
CA LEU B 127 5.16 4.85 16.57
C LEU B 127 6.37 4.00 16.93
N LYS B 128 6.27 3.23 18.00
CA LYS B 128 7.38 2.41 18.46
C LYS B 128 8.02 1.48 17.40
N PRO B 129 7.21 0.92 16.48
CA PRO B 129 7.83 0.05 15.47
C PRO B 129 8.93 0.74 14.67
N PHE B 130 8.76 2.02 14.42
CA PHE B 130 9.75 2.76 13.64
C PHE B 130 11.00 3.07 14.47
N GLU B 131 10.81 3.26 15.78
CA GLU B 131 11.94 3.49 16.67
C GLU B 131 12.73 2.18 16.72
N THR B 132 12.01 1.06 16.80
CA THR B 132 12.65 -0.25 16.83
C THR B 132 13.45 -0.51 15.56
N LEU B 133 12.87 -0.19 14.41
CA LEU B 133 13.56 -0.38 13.14
C LEU B 133 14.85 0.44 13.10
N LEU B 134 14.78 1.67 13.58
CA LEU B 134 15.97 2.53 13.60
C LEU B 134 17.03 1.89 14.50
N SER B 135 16.61 1.43 15.67
CA SER B 135 17.51 0.83 16.63
C SER B 135 18.27 -0.37 16.07
N GLN B 136 17.69 -1.04 15.08
CA GLN B 136 18.30 -2.22 14.49
C GLN B 136 19.11 -1.92 13.22
N ASN B 137 19.20 -0.64 12.86
CA ASN B 137 19.95 -0.24 11.68
C ASN B 137 21.02 0.80 11.99
N GLN B 138 22.24 0.34 12.23
CA GLN B 138 23.36 1.24 12.51
C GLN B 138 23.05 2.17 13.68
N GLY B 139 22.40 1.62 14.71
CA GLY B 139 22.07 2.42 15.87
C GLY B 139 21.16 3.59 15.58
N GLY B 140 20.49 3.54 14.43
CA GLY B 140 19.57 4.60 14.06
C GLY B 140 20.25 5.89 13.65
N LYS B 141 21.53 5.80 13.29
CA LYS B 141 22.31 6.97 12.92
C LYS B 141 22.27 7.34 11.45
N THR B 142 21.66 6.48 10.64
CA THR B 142 21.59 6.76 9.21
C THR B 142 20.18 6.96 8.70
N PHE B 143 19.62 5.92 8.08
CA PHE B 143 18.27 6.03 7.52
C PHE B 143 17.39 4.90 8.03
N ILE B 144 16.14 4.87 7.59
CA ILE B 144 15.24 3.83 8.10
C ILE B 144 15.64 2.44 7.61
N VAL B 145 16.21 2.38 6.41
CA VAL B 145 16.69 1.13 5.85
C VAL B 145 18.05 1.35 5.18
N GLY B 146 19.04 0.57 5.56
CA GLY B 146 20.35 0.70 4.95
C GLY B 146 21.07 1.99 5.27
N ASP B 147 22.07 2.32 4.45
CA ASP B 147 22.87 3.51 4.68
C ASP B 147 22.66 4.62 3.67
N GLN B 148 21.57 4.55 2.90
CA GLN B 148 21.24 5.58 1.93
C GLN B 148 19.75 5.90 2.07
N ILE B 149 19.39 7.14 1.78
CA ILE B 149 18.00 7.56 1.91
C ILE B 149 17.12 6.83 0.88
N SER B 150 15.91 6.51 1.27
CA SER B 150 14.96 5.83 0.39
C SER B 150 13.64 6.59 0.37
N PHE B 151 12.73 6.24 -0.54
CA PHE B 151 11.46 6.94 -0.58
C PHE B 151 10.69 6.77 0.73
N ALA B 152 10.92 5.65 1.42
CA ALA B 152 10.25 5.39 2.69
C ALA B 152 10.67 6.41 3.76
N ASP B 153 11.90 6.90 3.69
CA ASP B 153 12.36 7.89 4.66
C ASP B 153 11.52 9.15 4.57
N TYR B 154 11.25 9.60 3.34
CA TYR B 154 10.48 10.81 3.13
C TYR B 154 9.05 10.62 3.62
N ASN B 155 8.48 9.45 3.35
CA ASN B 155 7.12 9.15 3.78
C ASN B 155 7.06 9.09 5.30
N LEU B 156 8.01 8.40 5.92
CA LEU B 156 8.04 8.31 7.38
C LEU B 156 8.25 9.69 8.01
N LEU B 157 9.15 10.49 7.44
CA LEU B 157 9.41 11.82 7.97
C LEU B 157 8.11 12.63 7.98
N ASP B 158 7.37 12.60 6.88
CA ASP B 158 6.13 13.35 6.85
C ASP B 158 5.16 12.84 7.90
N LEU B 159 5.05 11.52 8.02
CA LEU B 159 4.17 10.90 9.00
C LEU B 159 4.50 11.44 10.39
N LEU B 160 5.79 11.51 10.70
CA LEU B 160 6.22 11.97 12.00
C LEU B 160 5.94 13.46 12.21
N LEU B 161 6.18 14.26 11.18
CA LEU B 161 5.93 15.70 11.27
C LEU B 161 4.46 16.02 11.52
N ILE B 162 3.55 15.34 10.82
CA ILE B 162 2.14 15.62 11.00
C ILE B 162 1.62 15.12 12.34
N HIS B 163 2.25 14.08 12.88
CA HIS B 163 1.82 13.59 14.18
C HIS B 163 2.31 14.49 15.30
N GLU B 164 3.42 15.18 15.08
CA GLU B 164 3.92 16.11 16.10
C GLU B 164 2.95 17.27 16.22
N VAL B 165 2.23 17.55 15.12
CA VAL B 165 1.25 18.63 15.13
C VAL B 165 -0.03 18.13 15.81
N LEU B 166 -0.39 16.88 15.54
CA LEU B 166 -1.59 16.28 16.13
C LEU B 166 -1.41 16.06 17.63
N ALA B 167 -0.25 15.53 18.01
CA ALA B 167 0.04 15.23 19.41
C ALA B 167 1.43 15.74 19.75
N PRO B 168 1.57 17.05 20.04
CA PRO B 168 2.88 17.59 20.38
C PRO B 168 3.58 16.75 21.45
N GLY B 169 4.86 16.46 21.22
CA GLY B 169 5.63 15.68 22.17
C GLY B 169 5.55 14.17 21.98
N CYS B 170 4.84 13.73 20.94
CA CYS B 170 4.68 12.30 20.71
C CYS B 170 5.99 11.56 20.40
N LEU B 171 7.05 12.30 20.09
CA LEU B 171 8.34 11.67 19.80
C LEU B 171 9.33 11.79 20.96
N ASP B 172 8.92 12.48 22.01
CA ASP B 172 9.82 12.69 23.16
C ASP B 172 10.34 11.40 23.79
N ALA B 173 9.52 10.36 23.81
CA ALA B 173 9.92 9.08 24.40
C ALA B 173 10.77 8.24 23.44
N PHE B 174 10.93 8.71 22.22
CA PHE B 174 11.68 7.99 21.19
C PHE B 174 12.89 8.81 20.71
N PRO B 175 14.06 8.59 21.34
CA PRO B 175 15.29 9.31 20.98
C PRO B 175 15.77 9.15 19.55
N LEU B 176 15.71 7.93 19.02
CA LEU B 176 16.17 7.70 17.66
C LEU B 176 15.27 8.40 16.64
N LEU B 177 13.95 8.31 16.82
CA LEU B 177 13.01 8.97 15.92
C LEU B 177 13.18 10.48 16.00
N SER B 178 13.36 11.00 17.22
CA SER B 178 13.54 12.43 17.41
C SER B 178 14.78 12.93 16.69
N ALA B 179 15.90 12.24 16.87
CA ALA B 179 17.16 12.61 16.22
C ALA B 179 17.06 12.46 14.71
N TYR B 180 16.31 11.45 14.28
CA TYR B 180 16.10 11.16 12.86
C TYR B 180 15.39 12.33 12.18
N VAL B 181 14.33 12.82 12.82
CA VAL B 181 13.56 13.93 12.27
C VAL B 181 14.46 15.18 12.18
N GLY B 182 15.24 15.43 13.22
CA GLY B 182 16.12 16.58 13.21
C GLY B 182 17.18 16.48 12.13
N ARG B 183 17.76 15.30 11.99
CA ARG B 183 18.81 15.05 11.02
C ARG B 183 18.32 15.20 9.57
N LEU B 184 17.24 14.51 9.24
CA LEU B 184 16.70 14.59 7.89
C LEU B 184 16.21 16.00 7.54
N SER B 185 15.58 16.66 8.51
CA SER B 185 15.04 18.00 8.29
C SER B 185 16.13 19.04 8.09
N ALA B 186 17.35 18.69 8.51
CA ALA B 186 18.49 19.59 8.38
C ALA B 186 19.20 19.45 7.04
N ARG B 187 18.84 18.44 6.25
CA ARG B 187 19.44 18.28 4.93
C ARG B 187 19.16 19.59 4.18
N PRO B 188 20.22 20.24 3.66
CA PRO B 188 20.14 21.52 2.93
C PRO B 188 18.90 21.80 2.08
N LYS B 189 18.72 21.05 1.01
CA LYS B 189 17.58 21.26 0.14
C LYS B 189 16.24 21.02 0.81
N LEU B 190 16.19 20.01 1.67
CA LEU B 190 14.95 19.69 2.38
C LEU B 190 14.61 20.77 3.39
N LYS B 191 15.62 21.25 4.10
CA LYS B 191 15.43 22.31 5.08
C LYS B 191 14.86 23.55 4.39
N ALA B 192 15.42 23.88 3.23
CA ALA B 192 14.96 25.04 2.47
C ALA B 192 13.52 24.87 2.02
N PHE B 193 13.17 23.67 1.58
CA PHE B 193 11.81 23.39 1.13
C PHE B 193 10.83 23.45 2.30
N LEU B 194 11.20 22.86 3.43
CA LEU B 194 10.32 22.84 4.59
C LEU B 194 10.09 24.23 5.15
N ALA B 195 11.00 25.15 4.87
CA ALA B 195 10.89 26.51 5.37
C ALA B 195 10.18 27.43 4.38
N SER B 196 10.05 26.98 3.14
CA SER B 196 9.43 27.78 2.09
C SER B 196 7.91 27.93 2.24
N PRO B 197 7.35 29.07 1.80
CA PRO B 197 5.90 29.27 1.91
C PRO B 197 5.12 28.23 1.11
N GLU B 198 5.78 27.66 0.11
CA GLU B 198 5.22 26.62 -0.74
C GLU B 198 4.77 25.43 0.11
N TYR B 199 5.47 25.22 1.23
CA TYR B 199 5.15 24.15 2.16
C TYR B 199 4.41 24.70 3.37
N VAL B 200 4.99 25.70 4.00
CA VAL B 200 4.41 26.28 5.22
C VAL B 200 3.00 26.86 5.06
N ASN B 201 2.72 27.48 3.92
CA ASN B 201 1.42 28.11 3.72
C ASN B 201 0.32 27.22 3.17
N LEU B 202 0.57 25.92 3.16
CA LEU B 202 -0.44 24.95 2.73
C LEU B 202 -0.93 24.24 3.98
N PRO B 203 -2.24 24.00 4.10
CA PRO B 203 -2.71 23.29 5.28
C PRO B 203 -2.34 21.83 5.12
N ILE B 204 -2.21 21.10 6.23
CA ILE B 204 -1.85 19.69 6.16
C ILE B 204 -2.96 18.90 5.49
N ASN B 205 -4.20 19.18 5.88
CA ASN B 205 -5.35 18.48 5.34
C ASN B 205 -6.31 19.45 4.67
N GLY B 206 -7.38 18.93 4.08
CA GLY B 206 -8.32 19.77 3.36
C GLY B 206 -9.57 20.20 4.10
N ASN B 207 -9.69 19.82 5.36
CA ASN B 207 -10.88 20.17 6.14
C ASN B 207 -10.58 21.08 7.32
N GLY B 208 -9.39 21.67 7.32
CA GLY B 208 -9.02 22.59 8.38
C GLY B 208 -8.66 21.95 9.70
N LYS B 209 -8.53 20.63 9.73
CA LYS B 209 -8.18 19.92 10.96
C LYS B 209 -6.76 19.35 10.89
N GLN B 210 -6.10 19.28 12.04
CA GLN B 210 -4.74 18.77 12.14
C GLN B 210 -4.43 18.39 13.59
O1 MES C . 2.26 -26.43 2.57
C2 MES C . 1.36 -27.42 2.04
C3 MES C . 1.78 -27.77 0.59
N4 MES C . 1.65 -26.50 -0.25
C5 MES C . 2.55 -25.41 0.34
C6 MES C . 2.18 -25.18 1.81
C7 MES C . 2.04 -26.73 -1.69
C8 MES C . 0.99 -26.18 -2.64
S MES C . 1.47 -26.48 -4.32
O1S MES C . 2.76 -25.82 -4.55
O2S MES C . 0.41 -25.92 -5.16
O3S MES C . 1.59 -27.92 -4.44
OXT GSN D . -0.43 -7.27 6.05
OXT GSN D . -0.43 -7.27 6.05
OXT GSN D . -0.43 -7.27 6.05
C GSN D . -1.03 -6.20 5.74
C GSN D . -1.03 -6.21 5.73
C GSN D . -1.03 -6.22 5.75
O GSN D . -1.43 -5.91 4.59
O GSN D . -1.43 -5.91 4.60
O GSN D . -1.44 -5.92 4.59
CA GSN D . -1.29 -5.20 6.86
CA GSN D . -1.30 -5.20 6.85
CA GSN D . -1.31 -5.22 6.87
N GSN D . -1.43 -3.85 6.28
N GSN D . -1.44 -3.86 6.28
N GSN D . -1.46 -3.87 6.30
CB GSN D . -2.57 -5.56 7.61
CB GSN D . -2.58 -5.56 7.62
CB GSN D . -2.58 -5.59 7.63
CAG GSN D . -2.43 -6.87 8.39
CAG GSN D . -2.43 -6.87 8.39
CAG GSN D . -2.45 -6.92 8.38
CAH GSN D . -3.70 -7.21 9.19
CAH GSN D . -3.70 -7.21 9.19
CAH GSN D . -3.70 -7.24 9.20
OAI GSN D . -4.68 -6.47 9.17
OAI GSN D . -4.67 -6.48 9.17
OAI GSN D . -4.67 -6.47 9.21
NAJ GSN D . -3.62 -8.35 9.88
NAJ GSN D . -3.62 -8.35 9.88
NAJ GSN D . -3.65 -8.37 9.89
CAK GSN D . -4.73 -8.86 10.70
CAK GSN D . -4.73 -8.86 10.71
CAK GSN D . -4.75 -8.84 10.75
CAL GSN D . -5.26 -10.15 10.09
CAL GSN D . -5.26 -10.16 10.11
CAL GSN D . -5.34 -10.15 10.21
SAM GSN D . -5.92 -9.94 8.39
SAM GSN D . -5.90 -9.98 8.40
SAM GSN D . -5.96 -10.00 8.49
NAN GSN D . -7.11 -8.87 8.67
NAN GSN D . -6.53 -11.47 8.18
NAN GSN D . -4.55 -9.76 7.72
OAV GSN D . -7.91 -8.40 7.61
OAV GSN D . -7.16 -11.80 6.96
OAV GSN D . -4.52 -9.60 6.31
CAO GSN D . -4.23 -9.15 12.11
CAO GSN D . -4.22 -9.14 12.12
CAO GSN D . -4.21 -9.12 12.17
OAP GSN D . -3.07 -9.52 12.32
OAP GSN D . -3.06 -9.50 12.31
OAP GSN D . -3.05 -9.46 12.34
NAQ GSN D . -5.12 -8.99 13.09
NAQ GSN D . -5.12 -8.99 13.09
NAQ GSN D . -5.11 -9.00 13.13
CAR GSN D . -4.81 -9.25 14.50
CAR GSN D . -4.81 -9.24 14.50
CAR GSN D . -4.78 -9.25 14.55
CAS GSN D . -4.60 -7.93 15.26
CAS GSN D . -4.60 -7.93 15.26
CAS GSN D . -4.59 -7.92 15.28
OAU GSN D . -4.34 -8.03 16.48
OAU GSN D . -4.34 -8.02 16.48
OAU GSN D . -4.34 -7.98 16.50
OAT GSN D . -4.69 -6.88 14.61
OAT GSN D . -4.70 -6.87 14.60
OAT GSN D . -4.70 -6.87 14.61
CA CA E . 20.83 6.10 -3.65
C CO3 F . 21.94 10.41 0.91
O1 CO3 F . 22.42 11.12 1.94
O2 CO3 F . 21.46 11.04 -0.18
O3 CO3 F . 21.95 9.17 0.95
O1 MES G . 6.85 24.71 -8.27
C2 MES G . 7.22 25.86 -7.46
C3 MES G . 8.72 25.77 -7.14
N4 MES G . 8.96 24.49 -6.33
C5 MES G . 8.50 23.29 -7.15
C6 MES G . 7.03 23.46 -7.55
C7 MES G . 10.41 24.30 -5.95
C8 MES G . 10.56 24.16 -4.45
S MES G . 12.28 23.92 -4.02
O1S MES G . 12.74 22.71 -4.68
O2S MES G . 12.32 23.80 -2.55
O3S MES G . 12.98 25.10 -4.49
OXT GSN H . -3.23 8.36 -3.78
OXT GSN H . -3.22 8.35 -3.78
C GSN H . -3.47 7.46 -2.94
C GSN H . -3.47 7.46 -2.94
O GSN H . -2.67 7.02 -2.09
O GSN H . -2.68 7.02 -2.09
CA GSN H . -4.88 6.85 -2.96
CA GSN H . -4.88 6.86 -2.97
N GSN H . -4.84 5.53 -2.36
N GSN H . -4.85 5.53 -2.35
CB GSN H . -5.86 7.74 -2.20
CB GSN H . -5.86 7.75 -2.21
CAG GSN H . -6.07 9.10 -2.89
CAG GSN H . -6.07 9.09 -2.90
CAH GSN H . -7.08 9.97 -2.16
CAH GSN H . -7.08 9.98 -2.16
OAI GSN H . -7.59 9.61 -1.10
OAI GSN H . -7.59 9.62 -1.10
NAJ GSN H . -7.35 11.13 -2.77
NAJ GSN H . -7.35 11.13 -2.77
CAK GSN H . -8.30 12.11 -2.22
CAK GSN H . -8.29 12.12 -2.23
CAL GSN H . -7.52 13.31 -1.67
CAL GSN H . -7.53 13.32 -1.67
SAM GSN H . -6.37 12.87 -0.31
SAM GSN H . -6.36 12.88 -0.33
NAN GSN H . -7.44 12.40 0.84
NAN GSN H . -5.81 14.35 0.04
OAV GSN H . -6.97 11.95 2.10
OAV GSN H . -4.84 14.51 1.07
CAO GSN H . -9.22 12.60 -3.34
CAO GSN H . -9.23 12.59 -3.35
OAP GSN H . -8.83 12.65 -4.51
OAP GSN H . -8.84 12.65 -4.52
NAQ GSN H . -10.44 12.94 -2.94
NAQ GSN H . -10.45 12.94 -2.95
CAR GSN H . -11.47 13.43 -3.88
CAR GSN H . -11.47 13.44 -3.88
CAS GSN H . -12.45 12.32 -4.25
CAS GSN H . -12.45 12.32 -4.25
OAU GSN H . -13.41 12.64 -4.99
OAU GSN H . -13.42 12.63 -4.98
OAT GSN H . -12.22 11.18 -3.79
OAT GSN H . -12.22 11.19 -3.78
#